data_5RC7
#
_entry.id   5RC7
#
_cell.length_a   45.186
_cell.length_b   73.094
_cell.length_c   52.386
_cell.angle_alpha   90.000
_cell.angle_beta   109.020
_cell.angle_gamma   90.000
#
_symmetry.space_group_name_H-M   'P 1 21 1'
#
loop_
_entity.id
_entity.type
_entity.pdbx_description
1 polymer Endothiapepsin
2 non-polymer '4-(2-AMINOETHYL)BENZENESULFONYL FLUORIDE'
3 non-polymer 'DIMETHYL SULFOXIDE'
4 non-polymer GLYCEROL
5 non-polymer 'ACETATE ION'
6 non-polymer 'TETRAETHYLENE GLYCOL'
7 water water
#
_entity_poly.entity_id   1
_entity_poly.type   'polypeptide(L)'
_entity_poly.pdbx_seq_one_letter_code
;MSSPLKNALVTAMLAGGALSSPTKQHVGIPVNASPEVGPGKYSFKQVRNPNYKFNGPLSVKKTYLKYGVPIPAWLEDAVQ
NSTSGLAERSTGSATTTPIDSLDDAYITPVQIGTPAQTLNLDFDTGSSDLWVFSSETTASEVDGQTIYTPSKSTTAKLLS
GATWSISYGDGSSSSGDVYTDTVSVGGLTVTGQAVESAKKVSSSFTEDSTIDGLLGLAFSTLNTVSPTQQKTFFDNAKAS
LDSPVFTADLGYHAPGTYNFGFIDTTAYTGSITYTAVSTKQGFWEWTSTGYAVGSGTFKSTSIDGIADTGTTLLYLPATV
VSAYWAQVSGAKSSSSVGGYVFPCSATLPSFTFGVGSARIVIPGDYIDFGPISTGSSSCFGGIQSSAGIGINIFGDVALK
AAFVVFNGATTPTLGFASK
;
_entity_poly.pdbx_strand_id   A
#
# COMPACT_ATOMS: atom_id res chain seq x y z
N SER A 90 -20.08 -12.12 -10.59
N SER A 90 -19.99 -12.23 -10.60
CA SER A 90 -19.74 -10.69 -10.76
CA SER A 90 -19.66 -10.88 -11.13
C SER A 90 -18.22 -10.54 -10.83
C SER A 90 -18.16 -10.65 -11.04
N THR A 91 -17.77 -9.53 -11.57
CA THR A 91 -16.35 -9.10 -11.58
C THR A 91 -16.33 -7.59 -11.53
N GLY A 92 -15.17 -7.05 -11.22
CA GLY A 92 -14.87 -5.64 -11.39
C GLY A 92 -13.46 -5.44 -11.91
N SER A 93 -13.20 -4.31 -12.55
CA SER A 93 -11.88 -4.01 -13.08
C SER A 93 -11.69 -2.52 -13.07
N ALA A 94 -10.69 -1.98 -12.36
CA ALA A 94 -10.48 -0.55 -12.25
C ALA A 94 -9.03 -0.25 -12.48
N THR A 95 -8.76 0.86 -13.12
CA THR A 95 -7.39 1.33 -13.32
C THR A 95 -6.91 2.05 -12.09
N THR A 96 -5.66 1.80 -11.71
CA THR A 96 -5.01 2.46 -10.58
C THR A 96 -3.87 3.29 -11.12
N THR A 97 -3.71 4.50 -10.61
CA THR A 97 -2.84 5.52 -11.24
C THR A 97 -1.87 6.04 -10.18
N PRO A 98 -0.57 6.14 -10.46
N PRO A 98 -0.55 6.13 -10.45
N PRO A 98 -0.55 6.09 -10.47
N PRO A 98 -0.55 6.11 -10.45
CA PRO A 98 0.37 6.67 -9.46
CA PRO A 98 0.35 6.80 -9.51
CA PRO A 98 0.40 6.63 -9.49
CA PRO A 98 0.37 6.76 -9.52
C PRO A 98 0.02 8.14 -9.19
C PRO A 98 -0.09 8.22 -9.14
C PRO A 98 0.08 8.10 -9.29
C PRO A 98 -0.07 8.20 -9.21
N ILE A 99 0.17 8.55 -7.94
N ILE A 99 0.14 8.57 -7.89
N ILE A 99 0.19 8.58 -8.07
N ILE A 99 0.14 8.64 -7.98
CA ILE A 99 -0.22 9.90 -7.48
CA ILE A 99 -0.22 9.93 -7.42
CA ILE A 99 -0.23 9.98 -7.75
CA ILE A 99 -0.23 10.03 -7.65
C ILE A 99 0.85 10.93 -7.86
C ILE A 99 0.85 10.93 -7.83
C ILE A 99 0.83 10.95 -8.23
C ILE A 99 0.85 10.98 -8.15
N ASP A 100 2.05 10.51 -8.18
N ASP A 100 2.05 10.51 -8.16
N ASP A 100 2.03 10.49 -8.47
N ASP A 100 2.04 10.49 -8.43
CA ASP A 100 3.18 11.42 -8.46
CA ASP A 100 3.18 11.42 -8.45
CA ASP A 100 3.12 11.42 -8.79
CA ASP A 100 3.12 11.42 -8.78
C ASP A 100 4.22 10.66 -9.30
C ASP A 100 4.22 10.66 -9.30
C ASP A 100 4.17 10.66 -9.54
C ASP A 100 4.18 10.66 -9.53
N SER A 101 5.29 11.35 -9.74
CA SER A 101 6.30 10.82 -10.64
C SER A 101 7.18 9.76 -9.97
N LEU A 102 7.07 9.59 -8.67
N LEU A 102 7.07 9.59 -8.67
N LEU A 102 7.00 9.49 -8.70
N LEU A 102 7.00 9.49 -8.70
CA LEU A 102 7.88 8.61 -7.88
CA LEU A 102 7.88 8.61 -7.88
CA LEU A 102 7.83 8.48 -8.00
CA LEU A 102 7.83 8.48 -8.00
C LEU A 102 7.10 7.30 -7.71
C LEU A 102 7.10 7.30 -7.71
C LEU A 102 7.00 7.31 -7.49
C LEU A 102 7.00 7.31 -7.49
N ASP A 103 5.81 7.25 -8.03
N ASP A 103 5.81 7.25 -8.03
N ASP A 103 5.76 7.16 -7.96
N ASP A 103 5.77 7.16 -7.97
CA ASP A 103 4.96 6.09 -7.68
CA ASP A 103 4.96 6.09 -7.68
CA ASP A 103 4.85 6.10 -7.48
CA ASP A 103 4.85 6.09 -7.49
C ASP A 103 4.87 6.00 -6.17
C ASP A 103 4.88 6.00 -6.16
C ASP A 103 4.80 6.11 -5.96
C ASP A 103 4.80 6.11 -5.96
N ASP A 104 4.68 7.13 -5.47
N ASP A 104 4.69 7.12 -5.46
N ASP A 104 4.64 7.28 -5.38
N ASP A 104 4.64 7.28 -5.38
CA ASP A 104 4.61 7.07 -3.99
CA ASP A 104 4.61 7.07 -3.99
CA ASP A 104 4.62 7.37 -3.91
CA ASP A 104 4.62 7.37 -3.91
C ASP A 104 3.38 6.29 -3.52
C ASP A 104 3.38 6.29 -3.52
C ASP A 104 3.36 6.70 -3.35
C ASP A 104 3.36 6.70 -3.36
N ALA A 105 2.31 6.35 -4.29
N ALA A 105 2.31 6.35 -4.29
N ALA A 105 2.31 6.59 -4.16
N ALA A 105 2.30 6.58 -4.17
CA ALA A 105 1.09 5.60 -3.98
CA ALA A 105 1.09 5.60 -3.98
CA ALA A 105 1.05 5.85 -3.88
CA ALA A 105 1.05 5.85 -3.88
C ALA A 105 0.29 5.60 -5.25
C ALA A 105 0.29 5.60 -5.25
C ALA A 105 0.26 5.70 -5.18
C ALA A 105 0.26 5.70 -5.18
N TYR A 106 -0.79 4.86 -5.21
CA TYR A 106 -1.66 4.67 -6.37
C TYR A 106 -3.08 4.95 -5.94
N ILE A 107 -3.83 5.60 -6.78
CA ILE A 107 -5.25 5.91 -6.51
C ILE A 107 -6.13 5.26 -7.55
N THR A 108 -7.29 4.83 -7.08
CA THR A 108 -8.26 4.10 -7.88
C THR A 108 -9.61 4.75 -7.66
N PRO A 109 -10.37 5.07 -8.73
CA PRO A 109 -11.66 5.71 -8.53
C PRO A 109 -12.66 4.71 -7.98
N VAL A 110 -13.47 5.19 -7.04
CA VAL A 110 -14.48 4.38 -6.35
C VAL A 110 -15.77 5.19 -6.31
N GLN A 111 -16.87 4.58 -6.70
CA GLN A 111 -18.19 5.25 -6.65
C GLN A 111 -18.86 4.93 -5.33
N ILE A 112 -19.28 5.96 -4.63
CA ILE A 112 -19.94 5.80 -3.31
C ILE A 112 -21.27 6.53 -3.35
N GLY A 113 -22.33 5.87 -2.97
CA GLY A 113 -23.61 6.58 -2.80
C GLY A 113 -24.44 6.63 -4.06
N THR A 114 -25.59 7.29 -3.89
CA THR A 114 -26.59 7.45 -4.98
C THR A 114 -27.13 8.86 -4.95
N PRO A 115 -26.99 9.67 -6.00
CA PRO A 115 -26.13 9.39 -7.17
C PRO A 115 -24.69 9.20 -6.75
N ALA A 116 -23.89 8.60 -7.64
CA ALA A 116 -22.52 8.27 -7.33
C ALA A 116 -21.74 9.51 -6.98
N GLN A 117 -20.92 9.39 -5.95
CA GLN A 117 -19.85 10.34 -5.62
C GLN A 117 -18.54 9.60 -5.87
N THR A 118 -17.72 10.03 -6.78
CA THR A 118 -16.49 9.33 -7.13
C THR A 118 -15.37 9.95 -6.32
N LEU A 119 -14.71 9.09 -5.54
CA LEU A 119 -13.52 9.46 -4.75
C LEU A 119 -12.36 8.58 -5.20
N ASN A 120 -11.18 9.12 -5.16
CA ASN A 120 -9.97 8.40 -5.55
C ASN A 120 -9.31 7.84 -4.29
N LEU A 121 -9.37 6.52 -4.13
CA LEU A 121 -8.93 5.88 -2.89
C LEU A 121 -7.65 5.13 -3.12
N ASP A 122 -6.89 5.02 -2.04
N ASP A 122 -6.89 5.02 -2.04
N ASP A 122 -6.88 5.03 -2.04
N ASP A 122 -6.88 5.03 -2.04
CA ASP A 122 -5.65 4.24 -1.98
CA ASP A 122 -5.65 4.24 -1.98
CA ASP A 122 -5.62 4.26 -1.99
CA ASP A 122 -5.62 4.26 -1.99
C ASP A 122 -6.00 2.82 -1.55
C ASP A 122 -6.00 2.82 -1.55
C ASP A 122 -5.95 2.83 -1.54
C ASP A 122 -5.95 2.83 -1.54
N PHE A 123 -5.95 1.88 -2.47
CA PHE A 123 -6.28 0.47 -2.16
C PHE A 123 -5.12 -0.11 -1.36
N ASP A 124 -5.42 -0.58 -0.16
N ASP A 124 -5.42 -0.58 -0.16
N ASP A 124 -5.42 -0.68 -0.21
N ASP A 124 -5.42 -0.68 -0.21
CA ASP A 124 -4.36 -0.92 0.81
CA ASP A 124 -4.36 -0.92 0.81
CA ASP A 124 -4.42 -0.92 0.85
CA ASP A 124 -4.42 -0.92 0.85
C ASP A 124 -4.54 -2.35 1.31
C ASP A 124 -4.54 -2.35 1.31
C ASP A 124 -4.56 -2.37 1.32
C ASP A 124 -4.56 -2.37 1.32
N THR A 125 -3.77 -3.28 0.77
CA THR A 125 -3.80 -4.68 1.24
C THR A 125 -3.19 -4.84 2.63
N GLY A 126 -2.67 -3.79 3.23
N GLY A 126 -2.67 -3.79 3.23
N GLY A 126 -2.69 -3.76 3.26
N GLY A 126 -2.69 -3.76 3.26
CA GLY A 126 -2.16 -3.84 4.60
CA GLY A 126 -2.16 -3.84 4.60
CA GLY A 126 -2.17 -3.74 4.63
CA GLY A 126 -2.17 -3.74 4.63
C GLY A 126 -3.14 -3.34 5.65
C GLY A 126 -3.13 -3.35 5.66
C GLY A 126 -3.10 -3.12 5.65
C GLY A 126 -3.10 -3.12 5.65
N SER A 127 -4.37 -2.99 5.32
CA SER A 127 -5.35 -2.57 6.33
C SER A 127 -6.74 -2.95 5.88
N SER A 128 -7.71 -2.71 6.75
CA SER A 128 -9.04 -3.33 6.56
C SER A 128 -10.17 -2.35 6.78
N ASP A 129 -9.90 -1.07 6.67
CA ASP A 129 -10.91 -0.01 6.81
C ASP A 129 -11.07 0.69 5.47
N LEU A 130 -12.30 0.96 5.08
CA LEU A 130 -12.62 1.82 3.93
C LEU A 130 -13.02 3.13 4.54
N TRP A 131 -12.14 4.11 4.51
CA TRP A 131 -12.43 5.42 5.11
C TRP A 131 -12.22 6.51 4.08
N VAL A 132 -12.97 7.57 4.26
CA VAL A 132 -12.98 8.68 3.27
C VAL A 132 -12.95 10.02 3.96
N PHE A 133 -12.32 10.97 3.32
CA PHE A 133 -12.58 12.39 3.57
C PHE A 133 -14.06 12.63 3.33
N SER A 134 -14.65 13.48 4.17
CA SER A 134 -16.09 13.63 4.15
C SER A 134 -16.49 15.07 4.51
N SER A 135 -17.80 15.28 4.44
CA SER A 135 -18.42 16.53 4.93
C SER A 135 -18.24 16.67 6.43
N GLU A 136 -17.84 15.63 7.14
CA GLU A 136 -17.62 15.65 8.60
C GLU A 136 -16.17 15.93 8.92
N THR A 137 -15.25 15.90 7.97
CA THR A 137 -13.82 16.03 8.31
C THR A 137 -13.55 17.47 8.75
N THR A 138 -12.89 17.62 9.90
CA THR A 138 -12.38 18.91 10.42
C THR A 138 -11.90 19.77 9.24
N ALA A 139 -12.48 20.95 9.04
CA ALA A 139 -12.22 21.75 7.82
C ALA A 139 -10.74 22.06 7.63
N SER A 140 -10.01 22.40 8.70
CA SER A 140 -8.55 22.70 8.66
C SER A 140 -7.72 21.49 8.25
N GLU A 141 -8.32 20.29 8.21
CA GLU A 141 -7.56 19.06 7.87
C GLU A 141 -7.92 18.62 6.46
N VAL A 142 -8.67 19.38 5.72
CA VAL A 142 -8.99 19.09 4.31
C VAL A 142 -8.23 20.12 3.49
N ASP A 143 -7.50 19.68 2.50
CA ASP A 143 -6.71 20.54 1.59
C ASP A 143 -6.73 19.97 0.17
N GLY A 144 -7.84 20.10 -0.51
CA GLY A 144 -7.93 19.71 -1.93
C GLY A 144 -8.63 18.39 -2.16
N GLN A 145 -8.81 17.56 -1.14
CA GLN A 145 -9.41 16.23 -1.34
C GLN A 145 -10.85 16.37 -1.77
N THR A 146 -11.35 15.42 -2.53
CA THR A 146 -12.78 15.28 -2.77
C THR A 146 -13.41 14.61 -1.57
N ILE A 147 -14.53 15.09 -1.13
CA ILE A 147 -15.19 14.57 0.08
C ILE A 147 -16.44 13.82 -0.29
N TYR A 148 -16.75 12.83 0.53
CA TYR A 148 -18.02 12.12 0.54
C TYR A 148 -19.01 12.89 1.44
N THR A 149 -20.20 13.16 0.93
CA THR A 149 -21.25 13.86 1.69
C THR A 149 -22.42 12.91 1.81
N PRO A 150 -22.56 12.20 2.94
CA PRO A 150 -23.60 11.21 3.06
C PRO A 150 -25.00 11.80 2.91
N SER A 151 -25.17 13.04 3.34
CA SER A 151 -26.51 13.66 3.27
C SER A 151 -26.97 13.84 1.84
N LYS A 152 -26.09 13.74 0.85
CA LYS A 152 -26.46 13.87 -0.57
C LYS A 152 -26.68 12.49 -1.20
N SER A 153 -26.56 11.43 -0.43
CA SER A 153 -26.72 10.06 -0.96
C SER A 153 -28.03 9.50 -0.45
N THR A 154 -28.89 9.10 -1.35
CA THR A 154 -30.20 8.56 -0.99
C THR A 154 -30.06 7.19 -0.37
N THR A 155 -28.92 6.51 -0.52
CA THR A 155 -28.71 5.16 0.01
C THR A 155 -27.86 5.18 1.28
N ALA A 156 -27.35 6.32 1.71
CA ALA A 156 -26.52 6.37 2.92
C ALA A 156 -27.39 6.19 4.16
N LYS A 157 -26.85 5.52 5.15
N LYS A 157 -26.91 5.41 5.11
N LYS A 157 -26.85 5.51 5.15
N LYS A 157 -26.91 5.40 5.11
CA LYS A 157 -27.53 5.42 6.45
CA LYS A 157 -27.53 5.18 6.44
CA LYS A 157 -27.55 5.41 6.45
CA LYS A 157 -27.53 5.18 6.44
C LYS A 157 -26.49 5.32 7.55
C LYS A 157 -26.43 5.42 7.49
C LYS A 157 -26.50 5.32 7.56
C LYS A 157 -26.44 5.41 7.49
N LEU A 158 -26.67 6.18 8.54
CA LEU A 158 -25.75 6.21 9.68
C LEU A 158 -25.73 4.80 10.28
N LEU A 159 -24.57 4.29 10.58
CA LEU A 159 -24.42 3.04 11.34
C LEU A 159 -24.36 3.50 12.79
N SER A 160 -25.54 3.54 13.42
N SER A 160 -25.49 3.39 13.47
N SER A 160 -25.54 3.54 13.42
N SER A 160 -25.49 3.39 13.47
CA SER A 160 -25.67 4.28 14.69
CA SER A 160 -25.73 4.06 14.77
CA SER A 160 -25.69 4.26 14.69
CA SER A 160 -25.74 4.06 14.77
C SER A 160 -24.77 3.69 15.78
C SER A 160 -24.70 3.61 15.80
C SER A 160 -24.77 3.68 15.78
C SER A 160 -24.71 3.61 15.81
N GLY A 161 -24.00 4.55 16.41
CA GLY A 161 -23.12 4.24 17.55
C GLY A 161 -21.76 3.75 17.12
N ALA A 162 -21.53 3.51 15.83
CA ALA A 162 -20.25 2.95 15.38
C ALA A 162 -19.22 4.08 15.22
N THR A 163 -18.03 3.81 15.73
CA THR A 163 -16.88 4.68 15.52
C THR A 163 -15.70 3.85 15.04
N TRP A 164 -14.68 4.57 14.59
CA TRP A 164 -13.46 3.92 14.12
C TRP A 164 -12.29 4.86 14.40
N SER A 165 -11.15 4.20 14.48
CA SER A 165 -9.89 4.91 14.76
C SER A 165 -8.77 3.98 14.38
N ILE A 166 -7.90 4.51 13.52
N ILE A 166 -7.90 4.51 13.52
N ILE A 166 -7.90 4.42 13.48
N ILE A 166 -7.90 4.42 13.48
CA ILE A 166 -6.79 3.70 12.95
CA ILE A 166 -6.79 3.70 12.95
CA ILE A 166 -6.81 3.54 12.98
CA ILE A 166 -6.81 3.54 12.98
C ILE A 166 -5.49 4.50 12.99
C ILE A 166 -5.49 4.50 12.99
C ILE A 166 -5.47 4.26 13.11
C ILE A 166 -5.47 4.26 13.11
N SER A 167 -4.42 3.72 13.16
N SER A 167 -4.42 3.72 13.16
N SER A 167 -4.46 3.54 13.59
N SER A 167 -4.46 3.54 13.59
CA SER A 167 -3.01 4.19 13.09
CA SER A 167 -3.01 4.19 13.10
CA SER A 167 -3.06 4.00 13.68
CA SER A 167 -3.06 4.00 13.68
C SER A 167 -2.25 3.26 12.15
C SER A 167 -2.25 3.26 12.15
C SER A 167 -2.20 3.14 12.77
C SER A 167 -2.21 3.14 12.77
N TYR A 168 -1.39 3.83 11.33
N TYR A 168 -1.39 3.83 11.33
N TYR A 168 -1.72 3.66 11.64
N TYR A 168 -1.72 3.66 11.64
CA TYR A 168 -0.65 3.11 10.28
CA TYR A 168 -0.65 3.11 10.28
CA TYR A 168 -0.89 2.84 10.72
CA TYR A 168 -0.89 2.84 10.72
C TYR A 168 0.82 3.04 10.70
C TYR A 168 0.82 3.04 10.70
C TYR A 168 0.55 2.77 11.23
C TYR A 168 0.55 2.77 11.23
N GLY A 169 1.60 2.13 10.10
N GLY A 169 1.60 2.13 10.10
N GLY A 169 1.30 1.82 10.70
N GLY A 169 1.30 1.82 10.70
CA GLY A 169 3.02 1.87 10.43
CA GLY A 169 3.02 1.87 10.43
CA GLY A 169 2.68 1.53 11.13
CA GLY A 169 2.69 1.52 11.12
C GLY A 169 3.89 3.11 10.32
C GLY A 169 3.89 3.11 10.32
C GLY A 169 3.62 2.70 10.91
C GLY A 169 3.62 2.70 10.91
N ASP A 170 3.45 4.12 9.57
N ASP A 170 3.45 4.12 9.57
N ASP A 170 3.36 3.56 9.92
N ASP A 170 3.36 3.56 9.92
CA ASP A 170 4.21 5.36 9.27
CA ASP A 170 4.21 5.36 9.27
CA ASP A 170 4.21 4.73 9.59
CA ASP A 170 4.21 4.73 9.59
C ASP A 170 3.85 6.47 10.26
C ASP A 170 3.85 6.47 10.26
C ASP A 170 3.93 5.85 10.60
C ASP A 170 3.93 5.85 10.60
N GLY A 171 2.97 6.22 11.22
N GLY A 171 2.97 6.22 11.22
N GLY A 171 2.92 5.68 11.47
N GLY A 171 2.93 5.67 11.46
CA GLY A 171 2.57 7.23 12.22
CA GLY A 171 2.57 7.22 12.23
CA GLY A 171 2.53 6.65 12.49
CA GLY A 171 2.53 6.65 12.49
C GLY A 171 1.37 8.05 11.82
C GLY A 171 1.37 8.05 11.82
C GLY A 171 1.36 7.50 12.04
C GLY A 171 1.36 7.50 12.04
N SER A 172 0.77 7.82 10.65
N SER A 172 0.77 7.82 10.65
N SER A 172 0.92 7.34 10.80
N SER A 172 0.92 7.34 10.80
CA SER A 172 -0.44 8.57 10.26
CA SER A 172 -0.44 8.57 10.26
CA SER A 172 -0.30 8.01 10.28
CA SER A 172 -0.30 8.01 10.28
C SER A 172 -1.66 7.93 10.90
C SER A 172 -1.66 7.93 10.90
C SER A 172 -1.51 7.44 11.01
C SER A 172 -1.51 7.44 11.01
N SER A 173 -2.77 8.65 10.88
N SER A 173 -2.77 8.65 10.88
N SER A 173 -2.58 8.22 11.07
N SER A 173 -2.58 8.22 11.07
CA SER A 173 -3.98 8.17 11.55
CA SER A 173 -3.98 8.17 11.55
CA SER A 173 -3.80 7.92 11.86
CA SER A 173 -3.80 7.92 11.86
C SER A 173 -5.19 8.96 11.09
C SER A 173 -5.19 8.96 11.09
C SER A 173 -5.01 8.56 11.18
C SER A 173 -5.01 8.56 11.18
N SER A 174 -6.34 8.38 11.39
N SER A 174 -6.34 8.38 11.39
N SER A 174 -6.21 8.07 11.51
N SER A 174 -6.21 8.07 11.51
CA SER A 174 -7.63 8.99 11.11
CA SER A 174 -7.63 8.99 11.11
CA SER A 174 -7.49 8.70 11.12
CA SER A 174 -7.49 8.70 11.12
C SER A 174 -8.64 8.26 11.99
C SER A 174 -8.64 8.26 11.99
C SER A 174 -8.63 8.18 12.02
C SER A 174 -8.63 8.18 12.02
N SER A 175 -9.76 8.92 12.14
CA SER A 175 -10.87 8.42 12.98
C SER A 175 -12.16 9.13 12.61
N GLY A 176 -13.27 8.50 13.02
CA GLY A 176 -14.54 9.15 12.77
C GLY A 176 -15.71 8.22 13.08
N ASP A 177 -16.78 8.42 12.33
CA ASP A 177 -18.02 7.63 12.46
C ASP A 177 -18.31 6.90 11.16
N VAL A 178 -19.43 6.22 11.06
CA VAL A 178 -19.62 5.21 10.01
C VAL A 178 -20.98 5.34 9.40
N TYR A 179 -21.05 5.22 8.08
CA TYR A 179 -22.30 5.10 7.31
C TYR A 179 -22.28 3.79 6.59
N THR A 180 -23.40 3.24 6.25
CA THR A 180 -23.43 2.21 5.22
C THR A 180 -23.92 2.84 3.94
N ASP A 181 -23.39 2.38 2.81
CA ASP A 181 -23.81 2.94 1.51
C ASP A 181 -23.43 1.92 0.44
N THR A 182 -23.87 2.21 -0.77
CA THR A 182 -23.51 1.44 -1.96
C THR A 182 -22.15 1.86 -2.45
N VAL A 183 -21.27 0.93 -2.67
CA VAL A 183 -19.89 1.20 -3.12
C VAL A 183 -19.65 0.36 -4.36
N SER A 184 -19.12 1.00 -5.41
CA SER A 184 -18.79 0.27 -6.64
C SER A 184 -17.35 0.53 -7.03
N VAL A 185 -16.67 -0.52 -7.44
CA VAL A 185 -15.30 -0.47 -7.92
C VAL A 185 -15.26 -1.10 -9.27
N GLY A 186 -14.97 -0.34 -10.30
CA GLY A 186 -14.76 -0.98 -11.59
C GLY A 186 -15.96 -1.77 -12.09
N GLY A 187 -17.15 -1.32 -11.75
CA GLY A 187 -18.39 -2.02 -12.15
C GLY A 187 -18.85 -3.06 -11.17
N LEU A 188 -18.14 -3.40 -10.13
CA LEU A 188 -18.57 -4.35 -9.10
C LEU A 188 -19.19 -3.58 -7.95
N THR A 189 -20.42 -3.90 -7.59
CA THR A 189 -21.18 -3.12 -6.59
C THR A 189 -21.40 -3.94 -5.37
N VAL A 190 -21.20 -3.33 -4.22
CA VAL A 190 -21.56 -3.87 -2.88
C VAL A 190 -22.57 -2.94 -2.27
N THR A 191 -23.70 -3.47 -1.84
CA THR A 191 -24.63 -2.69 -1.05
C THR A 191 -24.37 -2.89 0.44
N GLY A 192 -24.66 -1.88 1.23
CA GLY A 192 -24.49 -1.98 2.67
C GLY A 192 -23.02 -1.98 3.07
N GLN A 193 -22.10 -1.47 2.29
CA GLN A 193 -20.70 -1.38 2.69
C GLN A 193 -20.53 -0.35 3.79
N ALA A 194 -19.74 -0.68 4.79
CA ALA A 194 -19.36 0.33 5.79
C ALA A 194 -18.38 1.31 5.17
N VAL A 195 -18.78 2.54 5.15
CA VAL A 195 -18.00 3.69 4.67
C VAL A 195 -17.67 4.49 5.90
N GLU A 196 -16.40 4.52 6.26
CA GLU A 196 -15.95 5.14 7.51
C GLU A 196 -15.64 6.59 7.21
N SER A 197 -16.41 7.50 7.71
CA SER A 197 -16.33 8.94 7.46
C SER A 197 -15.35 9.57 8.41
N ALA A 198 -14.28 10.18 7.93
CA ALA A 198 -13.28 10.78 8.82
C ALA A 198 -13.81 12.07 9.42
N LYS A 199 -13.66 12.14 10.74
CA LYS A 199 -13.76 13.43 11.47
C LYS A 199 -12.38 14.05 11.61
N LYS A 200 -11.36 13.25 11.76
CA LYS A 200 -9.97 13.70 11.98
C LYS A 200 -9.07 12.87 11.10
N VAL A 201 -8.04 13.51 10.54
CA VAL A 201 -6.96 12.81 9.81
C VAL A 201 -5.66 13.45 10.23
N SER A 202 -4.59 12.72 10.18
N SER A 202 -4.59 12.72 10.18
N SER A 202 -4.57 12.65 10.16
N SER A 202 -4.57 12.65 10.16
CA SER A 202 -3.29 13.34 10.50
CA SER A 202 -3.30 13.34 10.50
CA SER A 202 -3.14 12.99 10.47
CA SER A 202 -3.14 12.99 10.47
C SER A 202 -2.82 14.21 9.32
C SER A 202 -2.82 14.21 9.32
C SER A 202 -2.49 13.73 9.29
C SER A 202 -2.49 13.73 9.29
N SER A 203 -1.80 15.00 9.60
N SER A 203 -1.81 15.00 9.61
N SER A 203 -1.38 14.42 9.53
N SER A 203 -1.38 14.42 9.53
CA SER A 203 -1.23 15.98 8.67
CA SER A 203 -1.23 15.98 8.67
CA SER A 203 -0.80 15.41 8.58
CA SER A 203 -0.80 15.41 8.58
C SER A 203 -0.86 15.30 7.36
C SER A 203 -0.86 15.30 7.36
C SER A 203 -0.46 14.74 7.24
C SER A 203 -0.46 14.74 7.24
N SER A 204 -0.34 14.07 7.40
N SER A 204 -0.34 14.07 7.40
N SER A 204 0.04 13.50 7.26
N SER A 204 0.04 13.50 7.26
CA SER A 204 0.13 13.38 6.17
CA SER A 204 0.13 13.38 6.17
CA SER A 204 0.45 12.79 6.02
CA SER A 204 0.45 12.79 6.02
C SER A 204 -1.04 13.25 5.19
C SER A 204 -1.04 13.25 5.19
C SER A 204 -0.76 12.67 5.09
C SER A 204 -0.76 12.67 5.09
N PHE A 205 -2.24 12.99 5.69
N PHE A 205 -2.24 12.99 5.69
N PHE A 205 -1.96 12.45 5.66
N PHE A 205 -1.96 12.45 5.66
CA PHE A 205 -3.42 12.84 4.78
CA PHE A 205 -3.42 12.84 4.78
CA PHE A 205 -3.20 12.37 4.86
CA PHE A 205 -3.20 12.37 4.86
C PHE A 205 -3.83 14.22 4.29
C PHE A 205 -3.83 14.22 4.29
C PHE A 205 -3.58 13.77 4.37
C PHE A 205 -3.58 13.77 4.37
N THR A 206 -3.90 15.21 5.18
N THR A 206 -3.90 15.21 5.18
N THR A 206 -3.58 14.78 5.23
N THR A 206 -3.58 14.78 5.23
CA THR A 206 -4.32 16.57 4.76
CA THR A 206 -4.32 16.57 4.76
CA THR A 206 -3.94 16.17 4.80
CA THR A 206 -3.94 16.17 4.80
C THR A 206 -3.41 17.06 3.65
C THR A 206 -3.41 17.06 3.65
C THR A 206 -3.04 16.62 3.65
C THR A 206 -3.04 16.62 3.65
N GLU A 207 -2.11 16.80 3.78
N GLU A 207 -2.12 16.81 3.79
N GLU A 207 -1.75 16.32 3.72
N GLU A 207 -1.75 16.32 3.72
CA GLU A 207 -1.07 17.37 2.89
CA GLU A 207 -1.07 17.37 2.89
CA GLU A 207 -0.76 16.83 2.73
CA GLU A 207 -0.76 16.83 2.73
C GLU A 207 -1.00 16.58 1.59
C GLU A 207 -1.00 16.58 1.59
C GLU A 207 -1.05 16.22 1.35
C GLU A 207 -1.05 16.22 1.35
N ASP A 208 -1.74 15.49 1.46
N ASP A 208 -1.74 15.49 1.46
N ASP A 208 -1.54 14.99 1.31
N ASP A 208 -1.54 14.99 1.31
CA ASP A 208 -1.76 14.74 0.19
CA ASP A 208 -1.76 14.74 0.19
CA ASP A 208 -1.76 14.27 0.03
CA ASP A 208 -1.77 14.26 0.03
C ASP A 208 -3.13 14.89 -0.44
C ASP A 208 -3.13 14.89 -0.44
C ASP A 208 -3.11 14.70 -0.59
C ASP A 208 -3.11 14.70 -0.59
N SER A 209 -3.22 15.84 -1.32
CA SER A 209 -4.50 16.27 -1.91
C SER A 209 -5.07 15.23 -2.88
N THR A 210 -4.24 14.33 -3.34
CA THR A 210 -4.60 13.35 -4.36
C THR A 210 -5.30 12.13 -3.79
N ILE A 211 -5.24 11.93 -2.49
N ILE A 211 -5.24 11.93 -2.49
N ILE A 211 -5.15 11.87 -2.49
N ILE A 211 -5.15 11.87 -2.49
CA ILE A 211 -5.81 10.70 -1.89
CA ILE A 211 -5.81 10.70 -1.89
CA ILE A 211 -5.74 10.69 -1.82
CA ILE A 211 -5.74 10.69 -1.82
C ILE A 211 -7.02 11.05 -1.05
C ILE A 211 -7.02 11.05 -1.05
C ILE A 211 -7.03 11.13 -1.10
C ILE A 211 -7.03 11.13 -1.10
N ASP A 212 -8.19 10.57 -1.47
CA ASP A 212 -9.44 10.93 -0.85
C ASP A 212 -9.84 9.97 0.25
N GLY A 213 -9.02 8.97 0.50
CA GLY A 213 -9.25 7.95 1.54
C GLY A 213 -8.61 6.68 1.16
N LEU A 214 -8.92 5.65 1.92
N LEU A 214 -8.92 5.65 1.92
N LEU A 214 -8.69 5.65 2.03
N LEU A 214 -8.69 5.65 2.03
CA LEU A 214 -8.29 4.33 1.81
CA LEU A 214 -8.29 4.33 1.81
CA LEU A 214 -8.11 4.29 1.82
CA LEU A 214 -8.11 4.29 1.82
C LEU A 214 -9.36 3.28 1.61
C LEU A 214 -9.36 3.28 1.61
C LEU A 214 -9.24 3.26 1.70
C LEU A 214 -9.24 3.26 1.70
N LEU A 215 -9.03 2.25 0.86
CA LEU A 215 -9.91 1.10 0.77
C LEU A 215 -9.10 -0.11 1.18
N GLY A 216 -9.35 -0.61 2.39
CA GLY A 216 -8.58 -1.72 2.94
C GLY A 216 -8.98 -3.04 2.34
N LEU A 217 -7.95 -3.85 2.10
CA LEU A 217 -8.08 -5.16 1.45
C LEU A 217 -7.35 -6.26 2.22
N ALA A 218 -6.95 -6.00 3.45
CA ALA A 218 -6.46 -7.05 4.35
C ALA A 218 -7.67 -7.76 4.93
N PHE A 219 -7.43 -8.65 5.92
CA PHE A 219 -8.54 -9.47 6.43
C PHE A 219 -9.40 -8.62 7.37
N SER A 220 -10.69 -8.97 7.39
CA SER A 220 -11.65 -8.13 8.13
C SER A 220 -11.44 -8.13 9.65
N THR A 221 -10.70 -9.12 10.15
CA THR A 221 -10.27 -9.14 11.58
C THR A 221 -9.50 -7.94 11.98
N LEU A 222 -8.87 -7.16 11.06
CA LEU A 222 -8.18 -5.91 11.41
C LEU A 222 -9.07 -4.69 11.36
N ASN A 223 -10.33 -4.81 10.93
CA ASN A 223 -11.18 -3.63 10.80
C ASN A 223 -11.37 -2.95 12.14
N THR A 224 -11.30 -1.68 12.22
CA THR A 224 -11.28 -0.97 13.53
C THR A 224 -12.67 -0.50 13.95
N VAL A 225 -13.73 -0.75 13.23
CA VAL A 225 -15.03 -0.23 13.69
C VAL A 225 -15.46 -0.92 15.00
N SER A 226 -15.94 -0.09 15.92
CA SER A 226 -16.42 -0.49 17.25
C SER A 226 -17.80 0.09 17.41
N PRO A 227 -18.73 -0.62 18.09
CA PRO A 227 -18.51 -1.89 18.76
C PRO A 227 -18.75 -3.11 17.90
N THR A 228 -19.16 -2.93 16.63
CA THR A 228 -19.47 -4.00 15.69
C THR A 228 -18.44 -3.92 14.55
N GLN A 229 -17.52 -4.84 14.51
CA GLN A 229 -16.49 -4.83 13.46
C GLN A 229 -17.19 -5.00 12.13
N GLN A 230 -16.63 -4.35 11.10
CA GLN A 230 -17.19 -4.36 9.74
C GLN A 230 -16.31 -5.13 8.78
N LYS A 231 -16.94 -5.56 7.69
CA LYS A 231 -16.24 -6.28 6.61
C LYS A 231 -15.65 -5.35 5.57
N THR A 232 -14.54 -5.79 4.99
CA THR A 232 -13.97 -5.09 3.85
C THR A 232 -14.86 -5.20 2.60
N PHE A 233 -14.60 -4.32 1.66
CA PHE A 233 -15.28 -4.37 0.35
C PHE A 233 -15.08 -5.75 -0.27
N PHE A 234 -13.89 -6.31 -0.21
CA PHE A 234 -13.65 -7.64 -0.80
C PHE A 234 -14.42 -8.71 -0.06
N ASP A 235 -14.41 -8.68 1.24
CA ASP A 235 -15.16 -9.71 1.97
C ASP A 235 -16.65 -9.57 1.66
N ASN A 236 -17.21 -8.39 1.58
CA ASN A 236 -18.63 -8.24 1.20
C ASN A 236 -18.87 -8.69 -0.21
N ALA A 237 -17.97 -8.47 -1.15
CA ALA A 237 -18.16 -8.83 -2.56
C ALA A 237 -17.99 -10.31 -2.83
N LYS A 238 -17.18 -11.00 -2.02
N LYS A 238 -17.30 -11.01 -1.95
N LYS A 238 -17.18 -11.00 -2.02
N LYS A 238 -17.30 -11.01 -1.95
CA LYS A 238 -16.67 -12.37 -2.32
CA LYS A 238 -16.65 -12.33 -2.22
CA LYS A 238 -16.67 -12.37 -2.31
CA LYS A 238 -16.66 -12.32 -2.23
C LYS A 238 -17.75 -13.27 -2.91
C LYS A 238 -17.63 -13.39 -2.75
C LYS A 238 -17.73 -13.27 -2.91
C LYS A 238 -17.63 -13.38 -2.76
N ALA A 239 -18.81 -13.48 -2.14
CA ALA A 239 -19.80 -14.53 -2.42
C ALA A 239 -20.35 -14.28 -3.82
N SER A 240 -20.43 -13.02 -4.27
CA SER A 240 -20.95 -12.62 -5.60
C SER A 240 -19.91 -12.83 -6.68
N LEU A 241 -18.62 -12.85 -6.36
CA LEU A 241 -17.59 -12.86 -7.40
C LEU A 241 -17.53 -14.17 -8.14
N ASP A 242 -17.12 -14.16 -9.36
CA ASP A 242 -16.97 -15.42 -10.11
C ASP A 242 -15.95 -16.31 -9.46
N SER A 243 -14.90 -15.75 -8.84
N SER A 243 -14.84 -15.72 -9.00
N SER A 243 -14.88 -15.75 -8.86
N SER A 243 -14.84 -15.73 -8.99
CA SER A 243 -13.81 -16.47 -8.15
CA SER A 243 -13.81 -16.39 -8.16
CA SER A 243 -13.80 -16.47 -8.16
CA SER A 243 -13.82 -16.41 -8.15
C SER A 243 -13.42 -15.56 -7.00
C SER A 243 -13.52 -15.51 -6.94
C SER A 243 -13.41 -15.57 -6.99
C SER A 243 -13.51 -15.51 -6.94
N PRO A 244 -13.15 -16.10 -5.79
CA PRO A 244 -12.93 -15.27 -4.62
C PRO A 244 -11.52 -14.69 -4.55
N VAL A 245 -11.19 -13.85 -5.50
CA VAL A 245 -9.85 -13.35 -5.72
C VAL A 245 -9.89 -11.90 -6.06
N PHE A 246 -8.80 -11.20 -5.83
CA PHE A 246 -8.55 -9.94 -6.50
C PHE A 246 -7.09 -9.93 -6.90
N THR A 247 -6.72 -9.13 -7.88
CA THR A 247 -5.35 -9.06 -8.38
C THR A 247 -4.91 -7.62 -8.40
N ALA A 248 -3.62 -7.44 -8.13
CA ALA A 248 -2.93 -6.18 -8.17
C ALA A 248 -1.90 -6.20 -9.23
N ASP A 249 -2.00 -5.29 -10.18
CA ASP A 249 -1.07 -5.17 -11.30
C ASP A 249 -0.62 -3.75 -11.36
N LEU A 250 0.31 -3.37 -10.49
CA LEU A 250 0.74 -1.98 -10.35
C LEU A 250 1.77 -1.67 -11.41
N GLY A 251 1.70 -0.45 -11.95
CA GLY A 251 2.65 -0.01 -12.96
C GLY A 251 3.85 0.67 -12.40
N TYR A 252 4.96 0.62 -13.10
CA TYR A 252 6.15 1.42 -12.83
C TYR A 252 6.02 2.70 -13.63
N HIS A 253 5.84 3.78 -12.93
CA HIS A 253 5.69 5.11 -13.53
C HIS A 253 4.58 5.05 -14.59
N ALA A 254 3.49 4.33 -14.32
CA ALA A 254 2.41 4.12 -15.30
C ALA A 254 1.21 3.59 -14.56
N PRO A 255 0.02 3.76 -15.11
CA PRO A 255 -1.17 3.14 -14.56
C PRO A 255 -1.11 1.63 -14.58
N GLY A 256 -1.93 1.03 -13.75
CA GLY A 256 -2.08 -0.42 -13.64
C GLY A 256 -3.50 -0.74 -13.38
N THR A 257 -3.78 -1.92 -12.83
CA THR A 257 -5.12 -2.43 -12.72
C THR A 257 -5.34 -3.19 -11.42
N TYR A 258 -6.48 -3.02 -10.82
CA TYR A 258 -7.03 -3.91 -9.79
C TYR A 258 -8.21 -4.62 -10.40
N ASN A 259 -8.18 -5.94 -10.41
CA ASN A 259 -9.33 -6.75 -10.83
C ASN A 259 -9.90 -7.50 -9.68
N PHE A 260 -11.19 -7.70 -9.68
CA PHE A 260 -11.92 -8.46 -8.67
C PHE A 260 -12.71 -9.56 -9.33
N GLY A 261 -12.48 -10.80 -8.89
CA GLY A 261 -13.30 -11.93 -9.31
C GLY A 261 -12.76 -12.71 -10.45
N PHE A 262 -11.64 -12.36 -11.03
CA PHE A 262 -11.11 -13.10 -12.16
C PHE A 262 -9.63 -12.82 -12.25
N ILE A 263 -8.93 -13.70 -12.92
N ILE A 263 -8.93 -13.79 -12.85
N ILE A 263 -8.93 -13.71 -12.92
N ILE A 263 -8.92 -13.80 -12.82
CA ILE A 263 -7.46 -13.62 -13.11
CA ILE A 263 -7.52 -13.66 -13.34
CA ILE A 263 -7.47 -13.62 -13.12
CA ILE A 263 -7.51 -13.67 -13.31
C ILE A 263 -7.26 -13.42 -14.61
C ILE A 263 -7.48 -13.28 -14.80
C ILE A 263 -7.26 -13.42 -14.62
C ILE A 263 -7.48 -13.28 -14.78
N ASP A 264 -6.79 -12.21 -15.05
CA ASP A 264 -6.55 -11.86 -16.46
C ASP A 264 -5.30 -12.54 -16.94
N THR A 265 -5.47 -13.64 -17.71
CA THR A 265 -4.31 -14.46 -18.11
C THR A 265 -3.51 -13.73 -19.16
N THR A 266 -3.94 -12.61 -19.68
CA THR A 266 -3.19 -11.79 -20.65
C THR A 266 -2.25 -10.81 -19.93
N ALA A 267 -2.37 -10.67 -18.61
CA ALA A 267 -1.72 -9.57 -17.85
C ALA A 267 -0.37 -10.02 -17.32
N TYR A 268 0.05 -11.26 -17.50
CA TYR A 268 1.33 -11.74 -16.97
C TYR A 268 1.97 -12.70 -17.95
N THR A 269 3.23 -12.96 -17.75
CA THR A 269 4.03 -13.89 -18.56
C THR A 269 4.30 -15.12 -17.73
N GLY A 270 4.53 -16.26 -18.38
CA GLY A 270 4.83 -17.49 -17.65
C GLY A 270 3.66 -17.94 -16.81
N SER A 271 3.96 -18.57 -15.69
N SER A 271 3.98 -18.58 -15.69
N SER A 271 3.96 -18.56 -15.68
N SER A 271 3.98 -18.58 -15.69
CA SER A 271 2.93 -19.10 -14.78
CA SER A 271 3.00 -19.16 -14.75
CA SER A 271 2.94 -19.11 -14.78
CA SER A 271 2.99 -19.15 -14.74
C SER A 271 2.90 -18.34 -13.46
C SER A 271 2.88 -18.29 -13.50
C SER A 271 2.90 -18.33 -13.45
C SER A 271 2.88 -18.29 -13.50
N ILE A 272 1.81 -18.51 -12.74
CA ILE A 272 1.65 -17.90 -11.43
C ILE A 272 2.15 -18.91 -10.42
N THR A 273 3.01 -18.48 -9.50
CA THR A 273 3.44 -19.34 -8.40
C THR A 273 2.71 -18.95 -7.14
N TYR A 274 1.95 -19.85 -6.57
CA TYR A 274 1.19 -19.59 -5.36
C TYR A 274 1.97 -19.99 -4.12
N THR A 275 1.77 -19.30 -3.04
CA THR A 275 2.48 -19.52 -1.75
C THR A 275 1.48 -19.33 -0.63
N ALA A 276 1.76 -20.02 0.47
CA ALA A 276 0.85 -20.02 1.60
C ALA A 276 0.77 -18.67 2.28
N VAL A 277 -0.37 -18.41 2.85
CA VAL A 277 -0.64 -17.18 3.60
C VAL A 277 -1.02 -17.53 5.03
N SER A 278 -0.50 -16.82 5.97
CA SER A 278 -0.98 -16.84 7.36
C SER A 278 -1.87 -15.64 7.56
N THR A 279 -3.06 -15.84 8.09
CA THR A 279 -3.98 -14.75 8.45
C THR A 279 -3.92 -14.43 9.95
N LYS A 280 -2.96 -15.00 10.65
CA LYS A 280 -2.92 -14.87 12.12
C LYS A 280 -2.81 -13.42 12.57
N GLN A 281 -2.13 -12.55 11.84
CA GLN A 281 -2.01 -11.14 12.21
C GLN A 281 -2.99 -10.27 11.39
N GLY A 282 -3.83 -10.88 10.58
CA GLY A 282 -4.81 -10.14 9.76
C GLY A 282 -4.25 -9.64 8.44
N PHE A 283 -3.05 -9.97 8.12
CA PHE A 283 -2.41 -9.48 6.89
C PHE A 283 -2.29 -10.58 5.88
N TRP A 284 -1.95 -10.22 4.64
CA TRP A 284 -1.54 -11.16 3.59
C TRP A 284 -0.07 -11.48 3.85
N GLU A 285 0.17 -12.33 4.88
CA GLU A 285 1.52 -12.65 5.37
C GLU A 285 1.99 -13.93 4.74
N TRP A 286 3.19 -13.94 4.22
CA TRP A 286 3.74 -15.06 3.46
C TRP A 286 5.23 -15.14 3.74
N THR A 287 5.87 -16.14 3.20
CA THR A 287 7.33 -16.35 3.44
C THR A 287 8.02 -16.44 2.11
N SER A 288 8.84 -15.45 1.79
CA SER A 288 9.72 -15.51 0.64
C SER A 288 10.83 -16.53 0.88
N THR A 289 11.30 -17.12 -0.18
CA THR A 289 12.31 -18.18 -0.12
C THR A 289 13.71 -17.63 -0.26
N GLY A 290 13.93 -16.36 -0.48
CA GLY A 290 15.29 -15.82 -0.45
C GLY A 290 15.45 -14.65 -1.39
N TYR A 291 16.68 -14.29 -1.67
CA TYR A 291 16.93 -13.10 -2.45
C TYR A 291 18.24 -13.17 -3.17
N ALA A 292 18.39 -12.34 -4.17
CA ALA A 292 19.68 -12.11 -4.81
C ALA A 292 19.84 -10.62 -5.05
N VAL A 293 21.06 -10.15 -5.11
CA VAL A 293 21.38 -8.75 -5.41
C VAL A 293 22.01 -8.72 -6.77
N GLY A 294 21.46 -7.98 -7.70
CA GLY A 294 21.99 -7.91 -9.06
C GLY A 294 22.16 -9.27 -9.65
N SER A 295 23.33 -9.49 -10.27
N SER A 295 23.36 -9.52 -10.19
N SER A 295 23.32 -9.50 -10.28
N SER A 295 23.36 -9.52 -10.18
CA SER A 295 23.66 -10.78 -10.90
CA SER A 295 23.75 -10.77 -10.88
CA SER A 295 23.62 -10.81 -10.89
CA SER A 295 23.75 -10.78 -10.88
C SER A 295 24.30 -11.74 -9.89
C SER A 295 24.16 -11.84 -9.87
C SER A 295 24.29 -11.75 -9.89
C SER A 295 24.16 -11.84 -9.87
N GLY A 296 24.21 -11.50 -8.58
CA GLY A 296 24.77 -12.38 -7.57
C GLY A 296 24.00 -13.65 -7.37
N THR A 297 24.62 -14.54 -6.60
CA THR A 297 24.02 -15.82 -6.26
C THR A 297 22.76 -15.61 -5.41
N PHE A 298 21.82 -16.47 -5.60
CA PHE A 298 20.59 -16.47 -4.83
C PHE A 298 20.87 -17.05 -3.45
N LYS A 299 20.47 -16.36 -2.40
CA LYS A 299 20.61 -16.76 -1.02
C LYS A 299 19.28 -17.35 -0.60
N SER A 300 19.25 -18.65 -0.32
CA SER A 300 18.06 -19.33 0.17
C SER A 300 17.86 -19.01 1.62
N THR A 301 16.82 -18.34 2.02
CA THR A 301 16.58 -17.96 3.38
C THR A 301 15.11 -17.59 3.49
N SER A 302 14.46 -17.95 4.56
CA SER A 302 13.02 -17.62 4.74
C SER A 302 12.85 -16.22 5.20
N ILE A 303 12.04 -15.42 4.50
CA ILE A 303 11.75 -14.03 4.92
C ILE A 303 10.27 -13.90 5.04
N ASP A 304 9.75 -13.94 6.24
N ASP A 304 9.78 -13.76 6.25
N ASP A 304 9.75 -13.94 6.23
N ASP A 304 9.78 -13.76 6.25
CA ASP A 304 8.32 -13.68 6.49
CA ASP A 304 8.34 -13.64 6.50
CA ASP A 304 8.33 -13.67 6.47
CA ASP A 304 8.33 -13.64 6.50
C ASP A 304 8.07 -12.21 6.16
C ASP A 304 7.91 -12.17 6.42
C ASP A 304 8.07 -12.21 6.16
C ASP A 304 7.90 -12.18 6.43
N GLY A 305 6.92 -11.88 5.58
CA GLY A 305 6.52 -10.50 5.44
C GLY A 305 5.12 -10.40 4.91
N ILE A 306 4.68 -9.18 4.71
CA ILE A 306 3.30 -8.95 4.24
C ILE A 306 3.32 -8.33 2.85
N ALA A 307 2.32 -8.67 2.06
CA ALA A 307 2.11 -8.03 0.74
C ALA A 307 1.23 -6.82 1.00
N ASP A 308 1.79 -5.62 0.78
N ASP A 308 1.79 -5.62 0.78
N ASP A 308 1.79 -5.59 0.95
N ASP A 308 1.79 -5.59 0.95
CA ASP A 308 1.14 -4.37 1.22
CA ASP A 308 1.14 -4.37 1.22
CA ASP A 308 1.08 -4.33 1.33
CA ASP A 308 1.08 -4.33 1.33
C ASP A 308 1.12 -3.32 0.12
C ASP A 308 1.12 -3.32 0.12
C ASP A 308 1.10 -3.27 0.21
C ASP A 308 1.10 -3.27 0.21
N THR A 309 -0.02 -3.18 -0.53
N THR A 309 -0.02 -3.18 -0.53
N THR A 309 0.10 -3.34 -0.69
N THR A 309 0.10 -3.34 -0.69
CA THR A 309 -0.09 -2.21 -1.63
CA THR A 309 -0.09 -2.21 -1.63
CA THR A 309 -0.07 -2.39 -1.83
CA THR A 309 -0.07 -2.39 -1.83
C THR A 309 -0.09 -0.79 -1.10
C THR A 309 -0.09 -0.79 -1.10
C THR A 309 -0.11 -0.92 -1.38
C THR A 309 -0.11 -0.92 -1.38
N GLY A 310 -0.39 -0.63 0.18
N GLY A 310 -0.39 -0.63 0.18
N GLY A 310 -0.38 -0.65 -0.10
N GLY A 310 -0.38 -0.65 -0.10
CA GLY A 310 -0.46 0.68 0.82
CA GLY A 310 -0.46 0.68 0.82
CA GLY A 310 -0.48 0.74 0.39
CA GLY A 310 -0.49 0.74 0.40
C GLY A 310 0.88 1.19 1.34
C GLY A 310 0.88 1.19 1.34
C GLY A 310 0.83 1.26 0.96
C GLY A 310 0.83 1.26 0.96
N THR A 311 1.94 0.40 1.20
N THR A 311 1.94 0.40 1.20
N THR A 311 1.88 0.47 0.95
N THR A 311 1.88 0.47 0.95
CA THR A 311 3.30 0.81 1.59
CA THR A 311 3.30 0.81 1.60
CA THR A 311 3.22 0.90 1.39
CA THR A 311 3.23 0.91 1.39
C THR A 311 4.13 1.02 0.34
C THR A 311 4.13 1.02 0.34
C THR A 311 4.05 1.10 0.12
C THR A 311 4.05 1.10 0.12
N THR A 312 4.80 2.15 0.24
N THR A 312 4.80 2.16 0.24
N THR A 312 4.81 2.17 0.07
N THR A 312 4.81 2.17 0.07
CA THR A 312 5.57 2.49 -0.99
CA THR A 312 5.57 2.49 -0.99
CA THR A 312 5.53 2.54 -1.16
CA THR A 312 5.53 2.54 -1.16
C THR A 312 6.75 1.54 -1.21
C THR A 312 6.75 1.54 -1.21
C THR A 312 6.77 1.67 -1.38
C THR A 312 6.77 1.67 -1.38
N LEU A 313 7.53 1.38 -0.17
N LEU A 313 7.53 1.38 -0.17
N LEU A 313 7.51 1.39 -0.30
N LEU A 313 7.51 1.39 -0.30
CA LEU A 313 8.88 0.78 -0.36
CA LEU A 313 8.88 0.78 -0.36
CA LEU A 313 8.89 0.80 -0.30
CA LEU A 313 8.89 0.80 -0.30
C LEU A 313 8.89 -0.71 0.05
C LEU A 313 8.89 -0.71 0.05
C LEU A 313 8.90 -0.68 0.12
C LEU A 313 8.90 -0.68 0.12
N LEU A 314 10.07 -1.29 -0.10
CA LEU A 314 10.34 -2.68 0.27
C LEU A 314 11.17 -2.64 1.55
N TYR A 315 10.61 -3.21 2.62
N TYR A 315 10.61 -3.21 2.62
N TYR A 315 10.59 -3.11 2.66
N TYR A 315 10.59 -3.11 2.66
CA TYR A 315 11.26 -3.20 3.95
CA TYR A 315 11.26 -3.20 3.95
CA TYR A 315 11.26 -3.13 3.99
CA TYR A 315 11.26 -3.13 3.99
C TYR A 315 11.65 -4.63 4.28
C TYR A 315 11.65 -4.63 4.28
C TYR A 315 11.63 -4.56 4.37
C TYR A 315 11.63 -4.56 4.37
N LEU A 316 12.94 -4.86 4.46
CA LEU A 316 13.49 -6.20 4.66
C LEU A 316 14.46 -6.20 5.80
N PRO A 317 14.91 -7.38 6.24
CA PRO A 317 15.84 -7.41 7.38
C PRO A 317 17.11 -6.66 7.09
N ALA A 318 17.74 -6.16 8.14
CA ALA A 318 18.93 -5.34 8.00
C ALA A 318 20.03 -6.05 7.26
N THR A 319 20.18 -7.34 7.49
CA THR A 319 21.22 -8.12 6.80
C THR A 319 21.04 -8.03 5.28
N VAL A 320 19.80 -8.25 4.84
CA VAL A 320 19.48 -8.29 3.40
C VAL A 320 19.72 -6.91 2.82
N VAL A 321 19.24 -5.90 3.50
CA VAL A 321 19.31 -4.52 2.99
C VAL A 321 20.75 -4.05 2.94
N SER A 322 21.57 -4.41 3.95
CA SER A 322 22.99 -4.08 3.91
C SER A 322 23.67 -4.74 2.72
N ALA A 323 23.35 -5.99 2.47
CA ALA A 323 23.93 -6.72 1.33
C ALA A 323 23.56 -6.04 0.02
N TYR A 324 22.36 -5.52 -0.11
CA TYR A 324 21.98 -4.80 -1.36
C TYR A 324 22.78 -3.52 -1.48
N TRP A 325 22.77 -2.65 -0.49
CA TRP A 325 23.36 -1.33 -0.65
C TRP A 325 24.88 -1.39 -0.65
N ALA A 326 25.47 -2.46 -0.16
CA ALA A 326 26.92 -2.65 -0.27
C ALA A 326 27.35 -2.72 -1.73
N GLN A 327 26.45 -3.03 -2.64
CA GLN A 327 26.78 -3.11 -4.08
C GLN A 327 26.62 -1.78 -4.75
N VAL A 328 26.37 -0.69 -4.06
CA VAL A 328 26.18 0.66 -4.64
C VAL A 328 27.24 1.56 -4.04
N SER A 329 28.20 2.01 -4.86
N SER A 329 28.20 2.01 -4.86
N SER A 329 28.19 2.00 -4.86
N SER A 329 28.19 2.00 -4.86
CA SER A 329 29.31 2.85 -4.37
CA SER A 329 29.31 2.86 -4.38
CA SER A 329 29.30 2.89 -4.45
CA SER A 329 29.30 2.89 -4.43
C SER A 329 28.74 4.14 -3.79
C SER A 329 28.74 4.15 -3.79
C SER A 329 28.73 4.15 -3.80
C SER A 329 28.73 4.15 -3.79
N GLY A 330 29.12 4.43 -2.56
CA GLY A 330 28.71 5.64 -1.88
C GLY A 330 27.40 5.52 -1.15
N ALA A 331 26.69 4.39 -1.22
CA ALA A 331 25.42 4.26 -0.48
C ALA A 331 25.71 4.19 1.00
N LYS A 332 24.81 4.67 1.82
CA LYS A 332 24.97 4.62 3.27
C LYS A 332 23.64 4.79 3.88
N SER A 333 23.54 4.34 5.13
CA SER A 333 22.38 4.59 5.95
C SER A 333 22.56 5.91 6.65
N SER A 334 21.65 6.80 6.49
CA SER A 334 21.67 8.16 7.08
C SER A 334 20.58 8.26 8.15
N SER A 335 20.99 8.40 9.41
N SER A 335 21.02 8.40 9.41
N SER A 335 20.99 8.40 9.41
N SER A 335 21.03 8.39 9.40
CA SER A 335 20.06 8.66 10.53
CA SER A 335 20.17 8.69 10.57
CA SER A 335 20.07 8.66 10.54
CA SER A 335 20.18 8.70 10.58
C SER A 335 19.37 10.01 10.34
C SER A 335 19.41 9.99 10.35
C SER A 335 19.38 10.01 10.33
C SER A 335 19.41 10.00 10.35
N SER A 336 20.06 11.02 9.77
CA SER A 336 19.45 12.35 9.51
C SER A 336 18.29 12.23 8.51
N VAL A 337 18.48 11.45 7.45
CA VAL A 337 17.44 11.34 6.38
C VAL A 337 16.38 10.31 6.78
N GLY A 338 16.77 9.28 7.50
CA GLY A 338 15.88 8.19 7.91
C GLY A 338 15.95 6.97 7.00
N GLY A 339 17.10 6.67 6.43
CA GLY A 339 17.29 5.36 5.77
C GLY A 339 18.45 5.44 4.85
N TYR A 340 18.57 4.45 4.02
CA TYR A 340 19.61 4.38 3.01
C TYR A 340 19.39 5.41 1.90
N VAL A 341 20.47 6.06 1.61
CA VAL A 341 20.61 7.03 0.50
C VAL A 341 21.78 6.62 -0.33
N PHE A 342 21.80 7.09 -1.56
CA PHE A 342 22.83 6.71 -2.53
C PHE A 342 23.09 7.87 -3.45
N PRO A 343 24.27 7.92 -4.08
CA PRO A 343 24.53 9.01 -5.02
C PRO A 343 23.60 8.93 -6.21
N CYS A 344 23.02 10.10 -6.55
CA CYS A 344 22.08 10.09 -7.67
C CYS A 344 22.77 9.71 -8.98
N SER A 345 24.08 9.76 -9.04
CA SER A 345 24.84 9.34 -10.24
C SER A 345 24.93 7.85 -10.36
N ALA A 346 24.49 7.06 -9.38
CA ALA A 346 24.63 5.59 -9.43
C ALA A 346 23.65 4.98 -10.41
N THR A 347 24.06 3.83 -10.89
CA THR A 347 23.17 2.83 -11.53
C THR A 347 22.89 1.74 -10.52
N LEU A 348 21.64 1.52 -10.16
CA LEU A 348 21.31 0.56 -9.09
C LEU A 348 21.20 -0.83 -9.65
N PRO A 349 21.66 -1.84 -8.90
CA PRO A 349 21.42 -3.22 -9.25
C PRO A 349 19.98 -3.62 -9.04
N SER A 350 19.56 -4.67 -9.74
CA SER A 350 18.28 -5.27 -9.48
C SER A 350 18.26 -5.98 -8.11
N PHE A 351 17.11 -6.36 -7.70
CA PHE A 351 16.88 -7.15 -6.48
C PHE A 351 15.92 -8.25 -6.81
N THR A 352 16.27 -9.49 -6.54
CA THR A 352 15.40 -10.64 -6.80
C THR A 352 14.86 -11.16 -5.51
N PHE A 353 13.58 -11.46 -5.41
CA PHE A 353 13.04 -12.21 -4.27
C PHE A 353 12.40 -13.50 -4.73
N GLY A 354 12.49 -14.51 -3.86
CA GLY A 354 11.92 -15.83 -4.14
C GLY A 354 10.48 -15.96 -3.74
N VAL A 355 9.73 -16.67 -4.60
CA VAL A 355 8.36 -17.09 -4.32
C VAL A 355 8.38 -18.59 -4.60
N GLY A 356 8.44 -19.41 -3.56
CA GLY A 356 8.71 -20.85 -3.79
C GLY A 356 9.94 -20.98 -4.62
N SER A 357 9.90 -21.80 -5.67
N SER A 357 9.86 -21.77 -5.68
N SER A 357 9.93 -21.80 -5.68
N SER A 357 9.86 -21.77 -5.68
CA SER A 357 11.03 -21.98 -6.60
CA SER A 357 10.96 -22.02 -6.61
CA SER A 357 11.07 -21.96 -6.61
CA SER A 357 10.98 -22.02 -6.62
C SER A 357 11.10 -20.88 -7.67
C SER A 357 11.06 -20.94 -7.69
C SER A 357 11.11 -20.88 -7.68
C SER A 357 11.06 -20.94 -7.69
N ALA A 358 10.13 -19.99 -7.72
CA ALA A 358 10.11 -18.90 -8.70
C ALA A 358 10.88 -17.69 -8.17
N ARG A 359 11.12 -16.78 -9.06
CA ARG A 359 11.95 -15.59 -8.76
C ARG A 359 11.27 -14.39 -9.36
N ILE A 360 11.14 -13.30 -8.63
CA ILE A 360 10.63 -12.02 -9.15
C ILE A 360 11.79 -11.07 -9.12
N VAL A 361 12.08 -10.45 -10.22
CA VAL A 361 13.19 -9.49 -10.33
C VAL A 361 12.66 -8.08 -10.32
N ILE A 362 13.14 -7.28 -9.37
CA ILE A 362 12.84 -5.86 -9.28
C ILE A 362 13.96 -5.15 -10.00
N PRO A 363 13.72 -4.47 -11.14
CA PRO A 363 14.78 -3.74 -11.82
C PRO A 363 15.35 -2.67 -10.88
N GLY A 364 16.62 -2.36 -11.09
CA GLY A 364 17.26 -1.33 -10.29
C GLY A 364 16.55 0.00 -10.34
N ASP A 365 16.01 0.36 -11.50
N ASP A 365 15.98 0.44 -11.47
N ASP A 365 16.02 0.36 -11.51
N ASP A 365 15.99 0.41 -11.48
CA ASP A 365 15.36 1.67 -11.63
CA ASP A 365 15.38 1.79 -11.45
CA ASP A 365 15.33 1.65 -11.64
CA ASP A 365 15.37 1.76 -11.57
C ASP A 365 14.19 1.77 -10.66
C ASP A 365 14.07 1.80 -10.63
C ASP A 365 14.19 1.76 -10.63
C ASP A 365 14.06 1.80 -10.77
N TYR A 366 13.53 0.67 -10.32
CA TYR A 366 12.37 0.67 -9.42
C TYR A 366 12.80 1.09 -8.00
N ILE A 367 14.08 0.98 -7.69
CA ILE A 367 14.59 1.20 -6.32
C ILE A 367 15.05 2.63 -6.16
N ASP A 368 14.96 3.44 -7.21
N ASP A 368 14.98 3.44 -7.21
CA ASP A 368 15.29 4.89 -7.14
CA ASP A 368 15.46 4.84 -7.14
C ASP A 368 14.07 5.74 -6.77
C ASP A 368 14.26 5.75 -6.83
N PHE A 369 14.14 6.36 -5.60
N PHE A 369 14.21 6.35 -5.63
N PHE A 369 14.31 6.41 -5.71
N PHE A 369 14.31 6.41 -5.71
CA PHE A 369 13.10 7.32 -5.15
CA PHE A 369 13.16 7.29 -5.20
CA PHE A 369 13.15 7.30 -5.39
CA PHE A 369 13.15 7.30 -5.39
C PHE A 369 13.63 8.76 -5.20
C PHE A 369 13.63 8.74 -5.21
C PHE A 369 13.53 8.79 -5.45
C PHE A 369 13.53 8.79 -5.45
N GLY A 370 14.66 9.04 -6.01
CA GLY A 370 15.04 10.38 -6.41
C GLY A 370 15.60 11.16 -5.26
N PRO A 371 15.91 12.45 -5.57
CA PRO A 371 16.64 13.30 -4.62
C PRO A 371 15.94 13.38 -3.29
N ILE A 372 16.69 13.40 -2.23
CA ILE A 372 16.09 13.47 -0.88
C ILE A 372 15.41 14.80 -0.63
N SER A 373 15.85 15.82 -1.27
CA SER A 373 15.24 17.16 -1.26
C SER A 373 15.50 17.70 -2.61
N THR A 374 14.69 18.65 -3.00
CA THR A 374 14.75 19.12 -4.31
C THR A 374 16.19 19.61 -4.72
N GLY A 375 16.77 19.16 -5.80
CA GLY A 375 18.07 19.56 -6.25
C GLY A 375 19.30 18.81 -5.63
N SER A 376 19.02 17.95 -4.65
CA SER A 376 20.10 17.20 -3.97
C SER A 376 20.70 16.18 -4.91
N SER A 377 21.94 15.90 -4.73
CA SER A 377 22.61 14.77 -5.39
C SER A 377 22.61 13.51 -4.55
N SER A 378 21.94 13.51 -3.41
N SER A 378 21.93 13.52 -3.41
N SER A 378 21.95 13.52 -3.40
N SER A 378 21.94 13.51 -3.40
CA SER A 378 21.69 12.28 -2.65
CA SER A 378 21.67 12.31 -2.59
CA SER A 378 21.69 12.28 -2.65
CA SER A 378 21.67 12.31 -2.59
C SER A 378 20.27 11.83 -2.97
C SER A 378 20.26 11.81 -2.87
C SER A 378 20.28 11.83 -2.96
C SER A 378 20.26 11.81 -2.87
N CYS A 379 20.14 10.55 -3.28
CA CYS A 379 18.87 9.96 -3.67
C CYS A 379 18.41 8.95 -2.62
N PHE A 380 17.13 8.82 -2.48
CA PHE A 380 16.55 7.94 -1.44
C PHE A 380 16.31 6.55 -2.00
N GLY A 381 16.73 5.55 -1.25
CA GLY A 381 16.57 4.16 -1.68
C GLY A 381 15.21 3.57 -1.49
N GLY A 382 14.85 2.67 -2.39
CA GLY A 382 13.56 2.01 -2.33
C GLY A 382 13.51 0.71 -1.56
N ILE A 383 14.66 0.25 -1.10
CA ILE A 383 14.82 -0.91 -0.23
C ILE A 383 15.38 -0.37 1.08
N GLN A 384 14.68 -0.61 2.17
CA GLN A 384 15.01 -0.05 3.47
C GLN A 384 14.90 -1.15 4.51
N SER A 385 15.53 -0.93 5.65
CA SER A 385 15.48 -1.91 6.75
C SER A 385 14.13 -1.91 7.43
N SER A 386 13.64 -3.09 7.75
CA SER A 386 12.46 -3.27 8.55
C SER A 386 12.76 -3.28 10.05
N ALA A 387 13.98 -2.98 10.45
N ALA A 387 14.03 -3.31 10.45
N ALA A 387 14.01 -3.02 10.45
N ALA A 387 14.02 -3.25 10.46
CA ALA A 387 14.36 -3.00 11.88
CA ALA A 387 14.38 -3.58 11.85
CA ALA A 387 14.41 -3.03 11.87
CA ALA A 387 14.38 -3.49 11.87
C ALA A 387 13.62 -1.90 12.61
C ALA A 387 13.59 -2.70 12.83
C ALA A 387 13.65 -1.94 12.61
C ALA A 387 13.55 -2.61 12.83
N GLY A 388 12.87 -2.30 13.64
N GLY A 388 13.23 -1.44 12.55
N GLY A 388 12.89 -2.34 13.63
N GLY A 388 13.17 -1.38 12.47
CA GLY A 388 12.07 -1.40 14.45
CA GLY A 388 12.46 -0.57 13.49
CA GLY A 388 12.10 -1.43 14.46
CA GLY A 388 12.43 -0.45 13.35
C GLY A 388 10.61 -1.49 14.04
C GLY A 388 10.94 -0.79 13.42
C GLY A 388 10.69 -1.30 13.94
C GLY A 388 10.92 -0.59 13.23
N ILE A 389 10.34 -1.90 12.80
N ILE A 389 10.44 -1.57 12.45
N ILE A 389 10.37 -1.89 12.78
N ILE A 389 10.43 -1.65 12.54
CA ILE A 389 8.94 -1.90 12.29
CA ILE A 389 8.99 -1.90 12.23
CA ILE A 389 8.96 -1.90 12.27
CA ILE A 389 8.98 -1.90 12.24
C ILE A 389 8.29 -3.17 12.82
C ILE A 389 8.44 -3.05 13.05
C ILE A 389 8.30 -3.16 12.83
C ILE A 389 8.41 -3.07 13.04
N GLY A 390 9.09 -4.22 13.04
CA GLY A 390 8.60 -5.45 13.64
C GLY A 390 8.00 -6.42 12.64
N ILE A 391 7.95 -6.05 11.32
CA ILE A 391 7.52 -6.92 10.22
C ILE A 391 8.24 -6.47 8.92
N ASN A 392 8.48 -7.43 8.08
CA ASN A 392 8.97 -7.14 6.73
C ASN A 392 7.79 -6.82 5.86
N ILE A 393 8.00 -5.91 4.89
N ILE A 393 8.00 -5.91 4.89
N ILE A 393 7.94 -5.80 5.00
N ILE A 393 7.94 -5.80 5.00
CA ILE A 393 6.88 -5.41 4.09
CA ILE A 393 6.88 -5.41 4.09
CA ILE A 393 6.82 -5.30 4.14
CA ILE A 393 6.82 -5.30 4.14
C ILE A 393 7.27 -5.41 2.64
C ILE A 393 7.27 -5.41 2.64
C ILE A 393 7.23 -5.35 2.67
C ILE A 393 7.23 -5.35 2.67
N PHE A 394 6.57 -6.22 1.88
CA PHE A 394 6.67 -6.22 0.43
C PHE A 394 5.69 -5.18 -0.07
N GLY A 395 6.13 -3.94 -0.11
N GLY A 395 6.12 -3.94 -0.11
N GLY A 395 6.14 -3.93 -0.12
N GLY A 395 6.14 -3.93 -0.12
CA GLY A 395 5.33 -2.82 -0.59
CA GLY A 395 5.33 -2.82 -0.59
CA GLY A 395 5.35 -2.79 -0.61
CA GLY A 395 5.35 -2.79 -0.61
C GLY A 395 5.44 -2.68 -2.09
C GLY A 395 5.44 -2.68 -2.09
C GLY A 395 5.43 -2.65 -2.12
C GLY A 395 5.43 -2.65 -2.12
N ASP A 396 5.05 -1.53 -2.56
N ASP A 396 5.05 -1.53 -2.56
N ASP A 396 5.03 -1.49 -2.60
N ASP A 396 5.03 -1.49 -2.60
CA ASP A 396 4.84 -1.34 -4.01
CA ASP A 396 4.84 -1.34 -4.01
CA ASP A 396 4.84 -1.23 -4.05
CA ASP A 396 4.84 -1.23 -4.05
C ASP A 396 6.12 -1.56 -4.82
C ASP A 396 6.12 -1.56 -4.82
C ASP A 396 6.12 -1.52 -4.84
C ASP A 396 6.12 -1.52 -4.84
N VAL A 397 7.29 -1.20 -4.29
CA VAL A 397 8.55 -1.46 -5.00
C VAL A 397 8.64 -2.93 -5.43
N ALA A 398 8.26 -3.83 -4.56
CA ALA A 398 8.26 -5.25 -4.90
C ALA A 398 7.05 -5.65 -5.70
N LEU A 399 5.86 -5.23 -5.27
CA LEU A 399 4.63 -5.72 -5.90
C LEU A 399 4.50 -5.26 -7.34
N LYS A 400 5.00 -4.07 -7.65
N LYS A 400 5.01 -4.08 -7.67
N LYS A 400 4.99 -4.06 -7.65
N LYS A 400 5.00 -4.07 -7.68
CA LYS A 400 4.86 -3.52 -9.02
CA LYS A 400 4.80 -3.59 -9.05
CA LYS A 400 4.86 -3.51 -9.01
CA LYS A 400 4.79 -3.58 -9.06
C LYS A 400 5.70 -4.30 -10.01
C LYS A 400 5.72 -4.30 -10.03
C LYS A 400 5.69 -4.30 -10.02
C LYS A 400 5.72 -4.29 -10.04
N ALA A 401 6.67 -5.10 -9.56
CA ALA A 401 7.45 -5.97 -10.43
C ALA A 401 6.68 -7.24 -10.78
N ALA A 402 5.51 -7.46 -10.27
CA ALA A 402 4.80 -8.72 -10.46
C ALA A 402 3.33 -8.45 -10.74
N PHE A 403 2.69 -9.51 -11.27
CA PHE A 403 1.23 -9.64 -11.27
C PHE A 403 0.91 -10.43 -9.99
N VAL A 404 0.11 -9.90 -9.11
CA VAL A 404 -0.08 -10.47 -7.76
C VAL A 404 -1.53 -10.87 -7.58
N VAL A 405 -1.75 -12.12 -7.22
CA VAL A 405 -3.06 -12.67 -6.95
C VAL A 405 -3.30 -12.78 -5.46
N PHE A 406 -4.34 -12.16 -4.96
CA PHE A 406 -4.75 -12.26 -3.58
C PHE A 406 -5.94 -13.18 -3.57
N ASN A 407 -5.67 -14.45 -3.24
CA ASN A 407 -6.67 -15.52 -3.31
C ASN A 407 -7.34 -15.64 -1.96
N GLY A 408 -8.57 -15.20 -1.89
CA GLY A 408 -9.38 -15.19 -0.67
C GLY A 408 -10.30 -16.37 -0.51
N ALA A 409 -9.97 -17.47 -1.10
CA ALA A 409 -10.65 -18.75 -0.85
C ALA A 409 -10.48 -19.17 0.61
N THR A 410 -11.20 -20.24 0.98
CA THR A 410 -11.24 -20.70 2.39
C THR A 410 -9.83 -20.80 2.96
N THR A 411 -8.92 -21.38 2.19
CA THR A 411 -7.46 -21.38 2.47
C THR A 411 -6.87 -20.27 1.60
N PRO A 412 -6.57 -19.08 2.17
CA PRO A 412 -6.02 -18.01 1.33
C PRO A 412 -4.63 -18.31 0.87
N THR A 413 -4.26 -17.83 -0.29
CA THR A 413 -2.92 -17.93 -0.81
C THR A 413 -2.59 -16.64 -1.55
N LEU A 414 -1.30 -16.39 -1.73
N LEU A 414 -1.35 -16.59 -2.02
N LEU A 414 -1.30 -16.38 -1.74
N LEU A 414 -1.36 -16.59 -2.01
CA LEU A 414 -0.84 -15.34 -2.68
CA LEU A 414 -0.83 -15.39 -2.67
CA LEU A 414 -0.84 -15.34 -2.68
CA LEU A 414 -0.83 -15.39 -2.67
C LEU A 414 -0.25 -15.99 -3.91
C LEU A 414 -0.03 -15.85 -3.90
C LEU A 414 -0.25 -15.99 -3.91
C LEU A 414 -0.03 -15.85 -3.90
N GLY A 415 -0.42 -15.39 -5.08
CA GLY A 415 0.27 -15.79 -6.29
C GLY A 415 1.09 -14.68 -6.86
N PHE A 416 2.23 -14.99 -7.41
CA PHE A 416 3.06 -14.04 -8.10
C PHE A 416 3.44 -14.53 -9.45
N ALA A 417 3.36 -13.69 -10.46
CA ALA A 417 3.86 -13.97 -11.79
C ALA A 417 4.70 -12.79 -12.24
N SER A 418 5.66 -13.06 -13.08
CA SER A 418 6.35 -12.00 -13.82
C SER A 418 5.41 -11.39 -14.85
N LYS A 419 5.79 -10.21 -15.36
CA LYS A 419 4.93 -9.53 -16.33
C LYS A 419 5.75 -8.66 -17.28
#